data_2MW6
#
_entry.id   2MW6
#
loop_
_entity.id
_entity.type
_entity.pdbx_description
1 polymer Melittin
2 non-polymer [(1,2,3,4,5-eta)-cyclopentadienyl][(1,2,3,4,4a,8a-eta)-naphthalene]ruthenium(1+)
#
_entity_poly.entity_id   1
_entity_poly.type   'polypeptide(L)'
_entity_poly.pdbx_seq_one_letter_code
;GIGAVLKVLTTGLPALISWIKRKRQQ(NH2)
;
_entity_poly.pdbx_strand_id   A
#
loop_
_chem_comp.id
_chem_comp.type
_chem_comp.name
_chem_comp.formula
3UQ non-polymer [(1,2,3,4,5-eta)-cyclopentadienyl][(1,2,3,4,4a,8a-eta)-naphthalene]ruthenium(1+) 'C15 H13 Ru 1'
NH2 non-polymer 'AMINO GROUP' 'H2 N'
#
# COMPACT_ATOMS: atom_id res chain seq x y z
N GLY A 1 15.17 0.37 -10.87
CA GLY A 1 15.23 0.11 -9.41
C GLY A 1 14.51 1.16 -8.59
N ILE A 2 15.06 2.38 -8.57
CA ILE A 2 14.49 3.51 -7.83
C ILE A 2 13.09 3.91 -8.36
N GLY A 3 12.92 3.81 -9.69
CA GLY A 3 11.64 4.14 -10.33
C GLY A 3 10.57 3.09 -10.09
N ALA A 4 11.01 1.83 -9.90
CA ALA A 4 10.11 0.72 -9.64
C ALA A 4 9.59 0.74 -8.20
N VAL A 5 10.50 1.01 -7.24
CA VAL A 5 10.15 1.08 -5.81
C VAL A 5 9.37 2.36 -5.48
N LEU A 6 9.53 3.39 -6.34
CA LEU A 6 8.85 4.68 -6.16
C LEU A 6 7.44 4.65 -6.76
N LYS A 7 7.30 4.00 -7.92
CA LYS A 7 6.00 3.90 -8.62
C LYS A 7 5.14 2.74 -8.10
N VAL A 8 5.73 1.84 -7.30
CA VAL A 8 5.00 0.68 -6.75
C VAL A 8 4.79 0.83 -5.23
N LEU A 9 5.78 1.40 -4.52
CA LEU A 9 5.68 1.57 -3.07
C LEU A 9 5.44 3.03 -2.67
N THR A 10 6.03 3.97 -3.42
CA THR A 10 5.88 5.40 -3.12
C THR A 10 4.70 6.02 -3.88
N THR A 11 3.62 5.24 -4.04
CA THR A 11 2.42 5.70 -4.75
C THR A 11 1.14 5.22 -4.05
N GLY A 12 1.12 3.92 -3.68
CA GLY A 12 -0.03 3.35 -3.01
C GLY A 12 0.25 3.02 -1.56
N LEU A 13 -0.11 3.96 -0.67
CA LEU A 13 0.10 3.80 0.77
C LEU A 13 -1.22 3.52 1.52
N PRO A 14 -2.34 4.28 1.27
CA PRO A 14 -3.63 4.06 1.98
C PRO A 14 -4.34 2.76 1.56
N ALA A 15 -3.86 2.14 0.46
CA ALA A 15 -4.44 0.88 -0.04
C ALA A 15 -4.10 -0.31 0.86
N LEU A 16 -2.83 -0.33 1.35
CA LEU A 16 -2.36 -1.40 2.24
C LEU A 16 -2.96 -1.25 3.64
N ILE A 17 -3.15 0.02 4.06
CA ILE A 17 -3.74 0.34 5.38
C ILE A 17 -5.24 -0.04 5.39
N SER A 18 -5.90 0.15 4.23
CA SER A 18 -7.31 -0.17 4.06
C SER A 18 -7.53 -1.68 3.96
N TRP A 19 -6.53 -2.39 3.41
CA TRP A 19 -6.59 -3.86 3.26
C TRP A 19 -6.38 -4.57 4.61
N ILE A 20 -5.48 -4.00 5.44
CA ILE A 20 -5.20 -4.55 6.78
C ILE A 20 -6.31 -4.21 7.77
N LYS A 21 -6.97 -3.05 7.55
CA LYS A 21 -8.08 -2.60 8.40
C LYS A 21 -9.37 -3.36 8.07
N ARG A 22 -9.52 -3.73 6.79
CA ARG A 22 -10.69 -4.49 6.32
C ARG A 22 -10.54 -5.99 6.63
N LYS A 23 -9.28 -6.45 6.73
CA LYS A 23 -8.98 -7.85 7.05
C LYS A 23 -8.97 -8.08 8.56
N ARG A 24 -8.73 -7.01 9.32
CA ARG A 24 -8.70 -7.08 10.79
C ARG A 24 -10.09 -6.80 11.40
N GLN A 25 -10.87 -5.96 10.71
CA GLN A 25 -12.22 -5.61 11.17
C GLN A 25 -13.28 -6.58 10.61
N GLN A 26 -13.18 -6.89 9.31
CA GLN A 26 -14.11 -7.81 8.64
C GLN A 26 -13.51 -9.20 8.51
N NH2 A 27 -12.28 -9.27 7.99
HN1 NH2 A 27 -11.84 -8.43 7.72
HN2 NH2 A 27 -11.87 -10.15 7.88
RU 3UQ B . -5.84 -7.35 -1.14
CC1 3UQ B . -4.06 -8.52 -0.54
CC2 3UQ B . -4.80 -9.25 -1.51
CC3 3UQ B . -4.83 -8.50 -2.73
CC4 3UQ B . -3.63 -7.29 -1.16
CC5 3UQ B . -4.10 -7.28 -2.51
HC1 3UQ B . -3.86 -8.82 0.48
HC2 3UQ B . -5.27 -10.23 -1.35
HC3 3UQ B . -5.31 -8.79 -3.65
HC4 3UQ B . -3.04 -6.51 -0.69
HC5 3UQ B . -3.93 -6.50 -3.25
N GLY A 1 16.41 -1.61 -8.21
CA GLY A 1 15.10 -1.05 -8.68
C GLY A 1 14.54 0.00 -7.74
N ILE A 2 15.37 1.01 -7.43
CA ILE A 2 14.99 2.11 -6.52
C ILE A 2 13.85 2.95 -7.13
N GLY A 3 13.94 3.21 -8.44
CA GLY A 3 12.91 3.99 -9.14
C GLY A 3 11.58 3.27 -9.27
N ALA A 4 11.64 1.93 -9.42
CA ALA A 4 10.44 1.10 -9.55
C ALA A 4 9.70 0.98 -8.21
N VAL A 5 10.45 0.65 -7.14
CA VAL A 5 9.87 0.50 -5.78
C VAL A 5 9.37 1.85 -5.27
N LEU A 6 10.00 2.95 -5.73
CA LEU A 6 9.63 4.31 -5.33
C LEU A 6 8.35 4.76 -6.03
N LYS A 7 8.21 4.41 -7.32
CA LYS A 7 7.03 4.78 -8.11
C LYS A 7 5.80 3.94 -7.75
N VAL A 8 6.03 2.75 -7.18
CA VAL A 8 4.93 1.86 -6.76
C VAL A 8 4.55 2.14 -5.29
N LEU A 9 5.49 2.74 -4.53
CA LEU A 9 5.27 3.08 -3.13
C LEU A 9 4.76 4.53 -2.94
N THR A 10 4.81 5.32 -4.02
CA THR A 10 4.35 6.72 -3.98
C THR A 10 2.87 6.85 -4.35
N THR A 11 2.38 5.94 -5.19
CA THR A 11 0.98 5.95 -5.63
C THR A 11 0.09 5.12 -4.72
N GLY A 12 0.55 3.90 -4.39
CA GLY A 12 -0.21 3.01 -3.53
C GLY A 12 0.31 3.01 -2.10
N LEU A 13 -0.35 3.80 -1.24
CA LEU A 13 0.02 3.92 0.17
C LEU A 13 -1.17 3.62 1.10
N PRO A 14 -2.39 4.23 0.89
CA PRO A 14 -3.57 3.97 1.75
C PRO A 14 -4.28 2.65 1.43
N ALA A 15 -3.82 1.98 0.36
CA ALA A 15 -4.41 0.69 -0.07
C ALA A 15 -4.04 -0.45 0.87
N LEU A 16 -2.79 -0.44 1.37
CA LEU A 16 -2.30 -1.47 2.29
C LEU A 16 -2.91 -1.29 3.68
N ILE A 17 -3.12 -0.02 4.07
CA ILE A 17 -3.72 0.33 5.38
C ILE A 17 -5.22 -0.04 5.38
N SER A 18 -5.87 0.15 4.23
CA SER A 18 -7.31 -0.17 4.06
C SER A 18 -7.54 -1.67 3.97
N TRP A 19 -6.53 -2.40 3.43
CA TRP A 19 -6.60 -3.86 3.28
C TRP A 19 -6.38 -4.56 4.63
N ILE A 20 -5.49 -3.99 5.46
CA ILE A 20 -5.19 -4.54 6.79
C ILE A 20 -6.31 -4.21 7.79
N LYS A 21 -6.94 -3.04 7.58
CA LYS A 21 -8.06 -2.58 8.43
C LYS A 21 -9.35 -3.34 8.10
N ARG A 22 -9.53 -3.68 6.81
CA ARG A 22 -10.70 -4.42 6.35
C ARG A 22 -10.56 -5.93 6.63
N LYS A 23 -9.30 -6.40 6.73
CA LYS A 23 -9.01 -7.81 7.01
C LYS A 23 -9.00 -8.08 8.52
N ARG A 24 -8.73 -7.02 9.31
CA ARG A 24 -8.69 -7.13 10.77
C ARG A 24 -10.06 -6.83 11.39
N GLN A 25 -10.85 -5.98 10.73
CA GLN A 25 -12.19 -5.61 11.21
C GLN A 25 -13.27 -6.53 10.61
N GLN A 26 -13.17 -6.79 9.31
CA GLN A 26 -14.13 -7.65 8.60
C GLN A 26 -13.55 -9.05 8.37
N NH2 A 27 -12.34 -9.11 7.82
HN1 NH2 A 27 -11.90 -8.26 7.59
HN2 NH2 A 27 -11.93 -9.98 7.66
RU 3UQ B . -5.85 -7.42 -1.07
CC1 3UQ B . -4.04 -8.53 -0.48
CC2 3UQ B . -4.78 -9.30 -1.44
CC3 3UQ B . -4.84 -8.56 -2.66
CC4 3UQ B . -3.64 -7.31 -1.12
CC5 3UQ B . -4.13 -7.34 -2.46
HC1 3UQ B . -3.82 -8.82 0.54
HC2 3UQ B . -5.22 -10.28 -1.26
HC3 3UQ B . -5.33 -8.89 -3.58
HC4 3UQ B . -3.08 -6.51 -0.66
HC5 3UQ B . -3.99 -6.54 -3.21
N GLY A 1 15.17 -0.86 -9.15
CA GLY A 1 15.99 0.31 -8.70
C GLY A 1 15.20 1.25 -7.80
N ILE A 2 15.73 2.47 -7.63
CA ILE A 2 15.10 3.50 -6.79
C ILE A 2 13.77 3.97 -7.40
N GLY A 3 13.78 4.21 -8.72
CA GLY A 3 12.59 4.64 -9.44
C GLY A 3 11.52 3.57 -9.53
N ALA A 4 11.96 2.30 -9.50
CA ALA A 4 11.06 1.14 -9.57
C ALA A 4 10.34 0.91 -8.24
N VAL A 5 11.11 0.97 -7.13
CA VAL A 5 10.55 0.78 -5.78
C VAL A 5 9.72 2.00 -5.34
N LEU A 6 9.98 3.16 -5.96
CA LEU A 6 9.26 4.39 -5.66
C LEU A 6 7.96 4.48 -6.48
N LYS A 7 7.99 3.92 -7.70
CA LYS A 7 6.82 3.92 -8.59
C LYS A 7 5.87 2.76 -8.30
N VAL A 8 6.34 1.76 -7.55
CA VAL A 8 5.51 0.59 -7.21
C VAL A 8 5.08 0.63 -5.73
N LEU A 9 5.97 1.11 -4.84
CA LEU A 9 5.66 1.19 -3.41
C LEU A 9 5.17 2.58 -3.01
N THR A 10 5.80 3.63 -3.57
CA THR A 10 5.44 5.01 -3.27
C THR A 10 4.46 5.56 -4.33
N THR A 11 3.22 5.08 -4.25
CA THR A 11 2.14 5.50 -5.16
C THR A 11 0.78 5.42 -4.49
N GLY A 12 0.52 4.31 -3.79
CA GLY A 12 -0.73 4.11 -3.08
C GLY A 12 -0.53 3.54 -1.68
N LEU A 13 -0.61 4.40 -0.67
CA LEU A 13 -0.42 3.99 0.73
C LEU A 13 -1.77 3.68 1.43
N PRO A 14 -2.88 4.46 1.19
CA PRO A 14 -4.19 4.21 1.86
C PRO A 14 -4.84 2.88 1.45
N ALA A 15 -4.32 2.25 0.38
CA ALA A 15 -4.85 0.97 -0.12
C ALA A 15 -4.47 -0.19 0.80
N LEU A 16 -3.21 -0.20 1.27
CA LEU A 16 -2.70 -1.24 2.17
C LEU A 16 -3.26 -1.08 3.59
N ILE A 17 -3.47 0.19 4.00
CA ILE A 17 -4.03 0.52 5.32
C ILE A 17 -5.52 0.13 5.38
N SER A 18 -6.23 0.36 4.27
CA SER A 18 -7.65 0.02 4.16
C SER A 18 -7.88 -1.49 4.03
N TRP A 19 -6.90 -2.17 3.42
CA TRP A 19 -6.95 -3.64 3.25
C TRP A 19 -6.67 -4.37 4.56
N ILE A 20 -5.73 -3.82 5.36
CA ILE A 20 -5.37 -4.41 6.67
C ILE A 20 -6.46 -4.12 7.73
N LYS A 21 -7.11 -2.95 7.58
CA LYS A 21 -8.19 -2.54 8.50
C LYS A 21 -9.49 -3.30 8.20
N ARG A 22 -9.71 -3.63 6.92
CA ARG A 22 -10.90 -4.38 6.48
C ARG A 22 -10.73 -5.88 6.73
N LYS A 23 -9.47 -6.34 6.75
CA LYS A 23 -9.14 -7.75 6.98
C LYS A 23 -9.04 -8.05 8.49
N ARG A 24 -8.75 -7.01 9.28
CA ARG A 24 -8.63 -7.14 10.73
C ARG A 24 -9.97 -6.90 11.43
N GLN A 25 -10.79 -6.00 10.85
CA GLN A 25 -12.11 -5.67 11.40
C GLN A 25 -13.20 -6.62 10.85
N GLN A 26 -13.13 -6.89 9.54
CA GLN A 26 -14.10 -7.77 8.88
C GLN A 26 -13.48 -9.13 8.58
N NH2 A 27 -12.31 -9.12 7.94
HN1 NH2 A 27 -11.92 -8.25 7.71
HN2 NH2 A 27 -11.89 -9.99 7.73
RU 3UQ B . -5.91 -6.80 -1.48
CC1 3UQ B . -3.89 -7.60 -1.11
CC2 3UQ B . -4.53 -8.40 -2.10
CC3 3UQ B . -4.83 -7.57 -3.23
CC4 3UQ B . -3.78 -6.27 -1.64
CC5 3UQ B . -4.36 -6.25 -2.95
HC1 3UQ B . -3.54 -7.93 -0.14
HC2 3UQ B . -4.78 -9.46 -2.01
HC3 3UQ B . -5.32 -7.89 -4.15
HC4 3UQ B . -3.34 -5.41 -1.13
HC5 3UQ B . -4.43 -5.39 -3.61
N GLY A 1 15.72 -1.68 -8.84
CA GLY A 1 15.74 -0.29 -9.36
C GLY A 1 15.05 0.68 -8.42
N ILE A 2 15.75 1.77 -8.07
CA ILE A 2 15.24 2.81 -7.16
C ILE A 2 13.97 3.49 -7.72
N GLY A 3 13.93 3.67 -9.05
CA GLY A 3 12.79 4.30 -9.71
C GLY A 3 11.54 3.42 -9.74
N ALA A 4 11.74 2.09 -9.80
CA ALA A 4 10.64 1.12 -9.83
C ALA A 4 10.04 0.93 -8.43
N VAL A 5 10.91 0.77 -7.43
CA VAL A 5 10.49 0.58 -6.02
C VAL A 5 9.79 1.85 -5.49
N LEU A 6 10.30 3.02 -5.90
CA LEU A 6 9.73 4.31 -5.50
C LEU A 6 8.40 4.59 -6.21
N LYS A 7 8.32 4.21 -7.50
CA LYS A 7 7.10 4.41 -8.29
C LYS A 7 5.99 3.42 -7.91
N VAL A 8 6.34 2.40 -7.12
CA VAL A 8 5.38 1.39 -6.67
C VAL A 8 5.10 1.51 -5.14
N LEU A 9 5.86 2.38 -4.46
CA LEU A 9 5.70 2.57 -3.01
C LEU A 9 5.05 3.92 -2.67
N THR A 10 5.44 4.98 -3.37
CA THR A 10 4.89 6.33 -3.11
C THR A 10 3.58 6.59 -3.87
N THR A 11 3.11 5.58 -4.61
CA THR A 11 1.86 5.69 -5.37
C THR A 11 0.67 5.12 -4.60
N GLY A 12 0.87 3.95 -3.99
CA GLY A 12 -0.18 3.31 -3.22
C GLY A 12 0.15 3.22 -1.75
N LEU A 13 -0.66 3.92 -0.93
CA LEU A 13 -0.48 3.94 0.52
C LEU A 13 -1.77 3.60 1.28
N PRO A 14 -2.97 4.20 0.93
CA PRO A 14 -4.24 3.92 1.62
C PRO A 14 -4.82 2.54 1.29
N ALA A 15 -4.19 1.85 0.32
CA ALA A 15 -4.63 0.50 -0.10
C ALA A 15 -4.24 -0.56 0.92
N LEU A 16 -3.03 -0.45 1.47
CA LEU A 16 -2.52 -1.39 2.48
C LEU A 16 -3.16 -1.14 3.85
N ILE A 17 -3.48 0.14 4.13
CA ILE A 17 -4.11 0.54 5.39
C ILE A 17 -5.59 0.10 5.41
N SER A 18 -6.25 0.25 4.25
CA SER A 18 -7.66 -0.17 4.10
C SER A 18 -7.79 -1.69 4.01
N TRP A 19 -6.71 -2.35 3.55
CA TRP A 19 -6.67 -3.81 3.43
C TRP A 19 -6.47 -4.47 4.80
N ILE A 20 -5.64 -3.84 5.66
CA ILE A 20 -5.37 -4.35 7.02
C ILE A 20 -6.55 -4.04 7.97
N LYS A 21 -7.23 -2.92 7.71
CA LYS A 21 -8.39 -2.49 8.50
C LYS A 21 -9.63 -3.31 8.16
N ARG A 22 -9.74 -3.69 6.87
CA ARG A 22 -10.87 -4.51 6.38
C ARG A 22 -10.65 -6.00 6.69
N LYS A 23 -9.36 -6.39 6.85
CA LYS A 23 -9.00 -7.78 7.16
C LYS A 23 -9.03 -8.03 8.68
N ARG A 24 -8.88 -6.94 9.45
CA ARG A 24 -8.90 -7.01 10.92
C ARG A 24 -10.31 -6.82 11.46
N GLN A 25 -11.11 -5.98 10.78
CA GLN A 25 -12.49 -5.69 11.19
C GLN A 25 -13.48 -6.68 10.56
N GLN A 26 -13.29 -6.98 9.28
CA GLN A 26 -14.16 -7.91 8.56
C GLN A 26 -13.49 -9.27 8.35
N NH2 A 27 -12.25 -9.23 7.85
HN1 NH2 A 27 -11.86 -8.37 7.63
HN2 NH2 A 27 -11.79 -10.09 7.70
RU 3UQ B . -5.54 -7.82 -0.32
CC1 3UQ B . -3.70 -8.72 0.50
CC2 3UQ B . -4.36 -9.68 -0.33
CC3 3UQ B . -4.42 -9.16 -1.66
CC4 3UQ B . -3.35 -7.60 -0.33
CC5 3UQ B . -3.79 -7.87 -1.66
HC1 3UQ B . -3.50 -8.82 1.57
HC2 3UQ B . -4.76 -10.64 0.00
HC3 3UQ B . -4.86 -9.64 -2.52
HC4 3UQ B . -2.83 -6.70 0.01
HC5 3UQ B . -3.67 -7.22 -2.52
N GLY A 1 14.98 -1.88 -9.37
CA GLY A 1 15.68 -0.56 -9.35
C GLY A 1 15.08 0.40 -8.34
N ILE A 2 15.90 1.39 -7.91
CA ILE A 2 15.48 2.40 -6.92
C ILE A 2 14.31 3.26 -7.43
N GLY A 3 14.35 3.61 -8.72
CA GLY A 3 13.31 4.42 -9.35
C GLY A 3 11.99 3.68 -9.50
N ALA A 4 12.08 2.35 -9.71
CA ALA A 4 10.89 1.49 -9.87
C ALA A 4 10.20 1.25 -8.53
N VAL A 5 10.98 0.93 -7.49
CA VAL A 5 10.45 0.68 -6.14
C VAL A 5 9.84 1.96 -5.53
N LEU A 6 10.50 3.11 -5.79
CA LEU A 6 10.02 4.40 -5.29
C LEU A 6 8.78 4.87 -6.07
N LYS A 7 8.70 4.46 -7.35
CA LYS A 7 7.58 4.82 -8.22
C LYS A 7 6.30 4.07 -7.84
N VAL A 8 6.46 2.81 -7.41
CA VAL A 8 5.32 1.97 -7.00
C VAL A 8 4.98 2.15 -5.51
N LEU A 9 5.90 2.75 -4.75
CA LEU A 9 5.71 3.00 -3.32
C LEU A 9 5.11 4.39 -3.04
N THR A 10 5.30 5.32 -3.99
CA THR A 10 4.79 6.70 -3.84
C THR A 10 3.35 6.84 -4.36
N THR A 11 2.78 5.73 -4.87
CA THR A 11 1.42 5.74 -5.40
C THR A 11 0.45 4.92 -4.52
N GLY A 12 0.89 3.72 -4.12
CA GLY A 12 0.06 2.87 -3.28
C GLY A 12 0.41 2.96 -1.81
N LEU A 13 -0.51 3.56 -1.02
CA LEU A 13 -0.32 3.72 0.42
C LEU A 13 -1.61 3.43 1.21
N PRO A 14 -2.81 3.97 0.80
CA PRO A 14 -4.08 3.74 1.53
C PRO A 14 -4.72 2.37 1.22
N ALA A 15 -4.19 1.67 0.21
CA ALA A 15 -4.69 0.35 -0.19
C ALA A 15 -4.34 -0.74 0.83
N LEU A 16 -3.10 -0.71 1.35
CA LEU A 16 -2.63 -1.68 2.34
C LEU A 16 -3.27 -1.43 3.71
N ILE A 17 -3.49 -0.15 4.04
CA ILE A 17 -4.11 0.27 5.32
C ILE A 17 -5.60 -0.11 5.34
N SER A 18 -6.26 0.05 4.18
CA SER A 18 -7.69 -0.29 4.03
C SER A 18 -7.91 -1.81 4.03
N TRP A 19 -6.93 -2.55 3.47
CA TRP A 19 -6.99 -4.02 3.40
C TRP A 19 -6.76 -4.66 4.77
N ILE A 20 -5.83 -4.07 5.56
CA ILE A 20 -5.51 -4.58 6.91
C ILE A 20 -6.62 -4.22 7.92
N LYS A 21 -7.24 -3.04 7.72
CA LYS A 21 -8.32 -2.56 8.60
C LYS A 21 -9.63 -3.31 8.33
N ARG A 22 -9.87 -3.66 7.04
CA ARG A 22 -11.07 -4.40 6.63
C ARG A 22 -10.94 -5.89 6.95
N LYS A 23 -9.71 -6.41 6.96
CA LYS A 23 -9.43 -7.82 7.26
C LYS A 23 -9.32 -8.06 8.78
N ARG A 24 -9.05 -6.98 9.54
CA ARG A 24 -8.92 -7.07 11.00
C ARG A 24 -10.27 -6.78 11.68
N GLN A 25 -11.08 -5.93 11.05
CA GLN A 25 -12.41 -5.56 11.58
C GLN A 25 -13.49 -6.52 11.08
N GLN A 26 -13.42 -6.90 9.80
CA GLN A 26 -14.39 -7.81 9.20
C GLN A 26 -13.77 -9.20 8.97
N NH2 A 27 -12.59 -9.21 8.35
HN1 NH2 A 27 -12.20 -8.36 8.08
HN2 NH2 A 27 -12.17 -10.08 8.19
RU 3UQ B . -5.76 -7.39 -1.15
CC1 3UQ B . -3.74 -8.14 -0.69
CC2 3UQ B . -4.35 -8.99 -1.67
CC3 3UQ B . -4.60 -8.20 -2.84
CC4 3UQ B . -3.63 -6.84 -1.26
CC5 3UQ B . -4.16 -6.88 -2.58
HC1 3UQ B . -3.42 -8.44 0.31
HC2 3UQ B . -4.58 -10.05 -1.55
HC3 3UQ B . -5.07 -8.57 -3.77
HC4 3UQ B . -3.20 -5.96 -0.76
HC5 3UQ B . -4.21 -6.03 -3.28
N GLY A 1 14.70 -1.21 -10.04
CA GLY A 1 15.72 -0.51 -9.22
C GLY A 1 15.13 0.45 -8.21
N ILE A 2 15.90 1.47 -7.82
CA ILE A 2 15.46 2.49 -6.84
C ILE A 2 14.27 3.30 -7.37
N GLY A 3 14.31 3.65 -8.66
CA GLY A 3 13.24 4.43 -9.29
C GLY A 3 11.94 3.63 -9.44
N ALA A 4 12.08 2.31 -9.66
CA ALA A 4 10.93 1.41 -9.83
C ALA A 4 10.21 1.19 -8.50
N VAL A 5 10.99 0.89 -7.44
CA VAL A 5 10.43 0.66 -6.09
C VAL A 5 9.81 1.94 -5.51
N LEU A 6 10.44 3.09 -5.80
CA LEU A 6 9.96 4.39 -5.33
C LEU A 6 8.69 4.83 -6.08
N LYS A 7 8.59 4.43 -7.36
CA LYS A 7 7.43 4.76 -8.21
C LYS A 7 6.19 3.94 -7.81
N VAL A 8 6.42 2.68 -7.38
CA VAL A 8 5.31 1.80 -6.96
C VAL A 8 4.99 1.93 -5.46
N LEU A 9 5.85 2.65 -4.72
CA LEU A 9 5.67 2.86 -3.28
C LEU A 9 5.04 4.23 -2.98
N THR A 10 5.28 5.21 -3.88
CA THR A 10 4.74 6.57 -3.70
C THR A 10 3.30 6.70 -4.22
N THR A 11 2.79 5.65 -4.86
CA THR A 11 1.43 5.65 -5.41
C THR A 11 0.47 4.85 -4.53
N GLY A 12 0.89 3.65 -4.11
CA GLY A 12 0.07 2.80 -3.26
C GLY A 12 0.42 2.90 -1.80
N LEU A 13 -0.47 3.54 -1.02
CA LEU A 13 -0.28 3.71 0.42
C LEU A 13 -1.58 3.44 1.21
N PRO A 14 -2.77 3.99 0.80
CA PRO A 14 -4.04 3.77 1.52
C PRO A 14 -4.68 2.40 1.23
N ALA A 15 -4.16 1.69 0.23
CA ALA A 15 -4.67 0.37 -0.17
C ALA A 15 -4.31 -0.71 0.86
N LEU A 16 -3.06 -0.66 1.35
CA LEU A 16 -2.57 -1.63 2.35
C LEU A 16 -3.21 -1.38 3.72
N ILE A 17 -3.45 -0.10 4.04
CA ILE A 17 -4.07 0.31 5.31
C ILE A 17 -5.56 -0.08 5.34
N SER A 18 -6.24 0.09 4.18
CA SER A 18 -7.66 -0.24 4.05
C SER A 18 -7.89 -1.76 4.02
N TRP A 19 -6.90 -2.49 3.48
CA TRP A 19 -6.96 -3.96 3.40
C TRP A 19 -6.72 -4.61 4.76
N ILE A 20 -5.80 -4.02 5.56
CA ILE A 20 -5.48 -4.54 6.90
C ILE A 20 -6.60 -4.18 7.91
N LYS A 21 -7.23 -3.01 7.71
CA LYS A 21 -8.32 -2.53 8.57
C LYS A 21 -9.61 -3.29 8.29
N ARG A 22 -9.83 -3.64 7.01
CA ARG A 22 -11.03 -4.38 6.59
C ARG A 22 -10.90 -5.88 6.91
N LYS A 23 -9.66 -6.37 6.93
CA LYS A 23 -9.39 -7.79 7.24
C LYS A 23 -9.28 -8.03 8.75
N ARG A 24 -9.04 -6.94 9.51
CA ARG A 24 -8.92 -7.02 10.97
C ARG A 24 -10.27 -6.74 11.63
N GLN A 25 -11.09 -5.89 11.00
CA GLN A 25 -12.42 -5.54 11.52
C GLN A 25 -13.50 -6.50 11.01
N GLN A 26 -13.40 -6.88 9.72
CA GLN A 26 -14.36 -7.79 9.10
C GLN A 26 -13.71 -9.15 8.82
N NH2 A 27 -12.56 -9.12 8.17
HN1 NH2 A 27 -12.19 -8.24 7.90
HN2 NH2 A 27 -12.11 -9.97 7.96
RU 3UQ B . -5.72 -7.30 -1.19
CC1 3UQ B . -3.69 -8.04 -0.74
CC2 3UQ B . -4.30 -8.89 -1.71
CC3 3UQ B . -4.56 -8.09 -2.88
CC4 3UQ B . -3.59 -6.73 -1.29
CC5 3UQ B . -4.13 -6.76 -2.62
HC1 3UQ B . -3.37 -8.34 0.26
HC2 3UQ B . -4.51 -9.95 -1.60
HC3 3UQ B . -5.02 -8.45 -3.80
HC4 3UQ B . -3.17 -5.85 -0.79
HC5 3UQ B . -4.19 -5.91 -3.30
N GLY A 1 14.76 -1.33 -9.92
CA GLY A 1 15.76 -0.45 -9.24
C GLY A 1 15.12 0.52 -8.26
N ILE A 2 15.90 1.53 -7.83
CA ILE A 2 15.43 2.55 -6.88
C ILE A 2 14.24 3.36 -7.42
N GLY A 3 14.27 3.64 -8.73
CA GLY A 3 13.19 4.40 -9.38
C GLY A 3 11.90 3.61 -9.49
N ALA A 4 12.02 2.29 -9.71
CA ALA A 4 10.85 1.40 -9.83
C ALA A 4 10.17 1.19 -8.48
N VAL A 5 10.97 0.91 -7.44
CA VAL A 5 10.44 0.69 -6.07
C VAL A 5 9.83 1.97 -5.49
N LEU A 6 10.44 3.13 -5.81
CA LEU A 6 9.95 4.44 -5.34
C LEU A 6 8.66 4.83 -6.07
N LYS A 7 8.55 4.43 -7.34
CA LYS A 7 7.36 4.73 -8.17
C LYS A 7 6.15 3.89 -7.77
N VAL A 8 6.39 2.64 -7.31
CA VAL A 8 5.30 1.76 -6.88
C VAL A 8 4.99 1.92 -5.38
N LEU A 9 5.86 2.63 -4.65
CA LEU A 9 5.69 2.85 -3.22
C LEU A 9 5.04 4.22 -2.93
N THR A 10 5.27 5.19 -3.84
CA THR A 10 4.71 6.55 -3.67
C THR A 10 3.27 6.66 -4.18
N THR A 11 2.80 5.63 -4.89
CA THR A 11 1.44 5.61 -5.43
C THR A 11 0.48 4.82 -4.55
N GLY A 12 0.92 3.62 -4.12
CA GLY A 12 0.10 2.77 -3.27
C GLY A 12 0.45 2.88 -1.80
N LEU A 13 -0.43 3.53 -1.03
CA LEU A 13 -0.23 3.72 0.41
C LEU A 13 -1.53 3.45 1.21
N PRO A 14 -2.73 3.99 0.79
CA PRO A 14 -4.00 3.77 1.52
C PRO A 14 -4.64 2.40 1.24
N ALA A 15 -4.13 1.69 0.22
CA ALA A 15 -4.65 0.38 -0.17
C ALA A 15 -4.29 -0.71 0.86
N LEU A 16 -3.05 -0.65 1.37
CA LEU A 16 -2.56 -1.61 2.37
C LEU A 16 -3.21 -1.37 3.74
N ILE A 17 -3.44 -0.09 4.07
CA ILE A 17 -4.06 0.32 5.34
C ILE A 17 -5.55 -0.07 5.35
N SER A 18 -6.22 0.09 4.20
CA SER A 18 -7.64 -0.23 4.04
C SER A 18 -7.86 -1.75 4.01
N TRP A 19 -6.87 -2.48 3.47
CA TRP A 19 -6.93 -3.95 3.38
C TRP A 19 -6.71 -4.61 4.75
N ILE A 20 -5.80 -4.02 5.55
CA ILE A 20 -5.48 -4.54 6.90
C ILE A 20 -6.60 -4.18 7.90
N LYS A 21 -7.22 -3.01 7.70
CA LYS A 21 -8.32 -2.53 8.56
C LYS A 21 -9.62 -3.29 8.27
N ARG A 22 -9.83 -3.65 6.99
CA ARG A 22 -11.02 -4.39 6.56
C ARG A 22 -10.90 -5.88 6.88
N LYS A 23 -9.65 -6.38 6.92
CA LYS A 23 -9.38 -7.80 7.23
C LYS A 23 -9.28 -8.03 8.74
N ARG A 24 -9.04 -6.94 9.50
CA ARG A 24 -8.94 -7.01 10.96
C ARG A 24 -10.30 -6.73 11.62
N GLN A 25 -11.11 -5.89 10.98
CA GLN A 25 -12.43 -5.52 11.49
C GLN A 25 -13.51 -6.48 10.98
N GLN A 26 -13.42 -6.86 9.69
CA GLN A 26 -14.37 -7.77 9.08
C GLN A 26 -13.73 -9.13 8.78
N NH2 A 27 -12.57 -9.10 8.13
HN1 NH2 A 27 -12.20 -8.23 7.88
HN2 NH2 A 27 -12.12 -9.95 7.94
RU 3UQ B . -5.69 -7.31 -1.18
CC1 3UQ B . -3.66 -8.03 -0.74
CC2 3UQ B . -4.25 -8.89 -1.72
CC3 3UQ B . -4.54 -8.11 -2.88
CC4 3UQ B . -3.57 -6.73 -1.30
CC5 3UQ B . -4.11 -6.76 -2.63
HC1 3UQ B . -3.33 -8.33 0.26
HC2 3UQ B . -4.47 -9.95 -1.58
HC3 3UQ B . -5.00 -8.47 -3.79
HC4 3UQ B . -3.15 -5.84 -0.81
HC5 3UQ B . -4.19 -5.93 -3.32
N GLY A 1 14.76 -1.53 -9.64
CA GLY A 1 15.73 -0.74 -8.84
C GLY A 1 15.05 0.26 -7.93
N ILE A 2 15.81 1.31 -7.55
CA ILE A 2 15.31 2.38 -6.66
C ILE A 2 14.12 3.15 -7.29
N GLY A 3 14.20 3.36 -8.61
CA GLY A 3 13.15 4.07 -9.34
C GLY A 3 11.86 3.26 -9.46
N ALA A 4 12.00 1.93 -9.54
CA ALA A 4 10.85 1.02 -9.67
C ALA A 4 10.12 0.86 -8.33
N VAL A 5 10.89 0.66 -7.24
CA VAL A 5 10.32 0.49 -5.89
C VAL A 5 9.71 1.80 -5.35
N LEU A 6 10.34 2.92 -5.72
CA LEU A 6 9.86 4.25 -5.29
C LEU A 6 8.61 4.67 -6.08
N LYS A 7 8.61 4.41 -7.40
CA LYS A 7 7.48 4.75 -8.28
C LYS A 7 6.27 3.82 -8.06
N VAL A 8 6.52 2.66 -7.43
CA VAL A 8 5.44 1.69 -7.16
C VAL A 8 4.91 1.83 -5.73
N LEU A 9 5.73 2.38 -4.82
CA LEU A 9 5.35 2.56 -3.42
C LEU A 9 4.65 3.91 -3.16
N THR A 10 5.15 4.97 -3.82
CA THR A 10 4.57 6.32 -3.65
C THR A 10 3.41 6.55 -4.64
N THR A 11 2.45 5.63 -4.62
CA THR A 11 1.28 5.70 -5.50
C THR A 11 0.02 5.24 -4.77
N GLY A 12 0.13 4.11 -4.05
CA GLY A 12 -0.99 3.57 -3.31
C GLY A 12 -0.62 3.28 -1.86
N LEU A 13 -0.78 4.30 -1.01
CA LEU A 13 -0.47 4.18 0.42
C LEU A 13 -1.70 3.76 1.26
N PRO A 14 -2.92 4.37 1.04
CA PRO A 14 -4.12 4.02 1.82
C PRO A 14 -4.71 2.64 1.45
N ALA A 15 -4.10 1.97 0.45
CA ALA A 15 -4.55 0.65 -0.01
C ALA A 15 -4.15 -0.45 0.99
N LEU A 16 -2.94 -0.33 1.55
CA LEU A 16 -2.43 -1.30 2.53
C LEU A 16 -3.07 -1.09 3.91
N ILE A 17 -3.35 0.19 4.24
CA ILE A 17 -3.99 0.57 5.51
C ILE A 17 -5.46 0.11 5.53
N SER A 18 -6.13 0.29 4.38
CA SER A 18 -7.53 -0.11 4.21
C SER A 18 -7.67 -1.63 4.09
N TRP A 19 -6.59 -2.28 3.61
CA TRP A 19 -6.55 -3.74 3.46
C TRP A 19 -6.35 -4.44 4.80
N ILE A 20 -5.53 -3.83 5.68
CA ILE A 20 -5.26 -4.37 7.02
C ILE A 20 -6.43 -4.08 7.97
N LYS A 21 -7.12 -2.95 7.73
CA LYS A 21 -8.29 -2.54 8.53
C LYS A 21 -9.52 -3.36 8.17
N ARG A 22 -9.62 -3.72 6.87
CA ARG A 22 -10.75 -4.53 6.36
C ARG A 22 -10.53 -6.02 6.65
N LYS A 23 -9.26 -6.43 6.78
CA LYS A 23 -8.90 -7.82 7.06
C LYS A 23 -8.91 -8.09 8.58
N ARG A 24 -8.80 -7.00 9.37
CA ARG A 24 -8.80 -7.10 10.83
C ARG A 24 -10.20 -6.90 11.40
N GLN A 25 -11.02 -6.09 10.71
CA GLN A 25 -12.39 -5.81 11.13
C GLN A 25 -13.39 -6.80 10.52
N GLN A 26 -13.22 -7.09 9.22
CA GLN A 26 -14.10 -8.02 8.52
C GLN A 26 -13.46 -9.40 8.40
N NH2 A 27 -12.21 -9.43 7.93
HN1 NH2 A 27 -11.79 -8.58 7.69
HN2 NH2 A 27 -11.77 -10.30 7.84
RU 3UQ B . -5.13 -7.94 0.03
CC1 3UQ B . -3.19 -8.57 0.84
CC2 3UQ B . -3.77 -9.66 0.13
CC3 3UQ B . -3.92 -9.27 -1.25
CC4 3UQ B . -2.98 -7.51 -0.09
CC5 3UQ B . -3.42 -7.94 -1.37
HC1 3UQ B . -2.94 -8.56 1.91
HC2 3UQ B . -4.06 -10.63 0.55
HC3 3UQ B . -4.33 -9.88 -2.04
HC4 3UQ B . -2.55 -6.54 0.15
HC5 3UQ B . -3.40 -7.35 -2.30
N GLY A 1 15.26 -1.33 -8.33
CA GLY A 1 15.88 0.02 -8.43
C GLY A 1 15.09 1.08 -7.69
N ILE A 2 15.66 2.29 -7.60
CA ILE A 2 15.04 3.43 -6.91
C ILE A 2 13.72 3.86 -7.59
N GLY A 3 13.75 3.89 -8.93
CA GLY A 3 12.58 4.28 -9.72
C GLY A 3 11.46 3.24 -9.69
N ALA A 4 11.83 1.97 -9.49
CA ALA A 4 10.88 0.86 -9.44
C ALA A 4 10.16 0.81 -8.07
N VAL A 5 10.93 0.99 -6.99
CA VAL A 5 10.38 0.98 -5.62
C VAL A 5 9.59 2.26 -5.32
N LEU A 6 9.91 3.35 -6.05
CA LEU A 6 9.24 4.63 -5.89
C LEU A 6 7.94 4.69 -6.71
N LYS A 7 7.98 4.13 -7.93
CA LYS A 7 6.83 4.13 -8.84
C LYS A 7 5.82 3.02 -8.51
N VAL A 8 6.24 2.00 -7.75
CA VAL A 8 5.35 0.88 -7.38
C VAL A 8 4.93 0.96 -5.91
N LEU A 9 5.88 1.29 -5.01
CA LEU A 9 5.58 1.37 -3.58
C LEU A 9 5.19 2.79 -3.15
N THR A 10 5.82 3.81 -3.76
CA THR A 10 5.53 5.20 -3.42
C THR A 10 4.49 5.80 -4.39
N THR A 11 3.28 5.22 -4.34
CA THR A 11 2.15 5.66 -5.18
C THR A 11 0.83 5.52 -4.44
N GLY A 12 0.64 4.38 -3.76
CA GLY A 12 -0.58 4.13 -3.01
C GLY A 12 -0.30 3.67 -1.59
N LEU A 13 -0.65 4.52 -0.62
CA LEU A 13 -0.44 4.22 0.80
C LEU A 13 -1.73 3.81 1.52
N PRO A 14 -2.91 4.51 1.31
CA PRO A 14 -4.18 4.15 1.99
C PRO A 14 -4.77 2.80 1.55
N ALA A 15 -4.16 2.18 0.52
CA ALA A 15 -4.62 0.89 0.00
C ALA A 15 -4.24 -0.26 0.95
N LEU A 16 -3.01 -0.21 1.48
CA LEU A 16 -2.51 -1.23 2.42
C LEU A 16 -3.14 -1.06 3.80
N ILE A 17 -3.41 0.20 4.18
CA ILE A 17 -4.04 0.54 5.47
C ILE A 17 -5.51 0.10 5.47
N SER A 18 -6.17 0.26 4.31
CA SER A 18 -7.58 -0.13 4.14
C SER A 18 -7.71 -1.66 4.02
N TRP A 19 -6.65 -2.31 3.53
CA TRP A 19 -6.62 -3.77 3.37
C TRP A 19 -6.43 -4.47 4.73
N ILE A 20 -5.59 -3.87 5.58
CA ILE A 20 -5.32 -4.42 6.94
C ILE A 20 -6.48 -4.10 7.89
N LYS A 21 -7.16 -2.96 7.66
CA LYS A 21 -8.31 -2.54 8.46
C LYS A 21 -9.56 -3.36 8.11
N ARG A 22 -9.67 -3.74 6.82
CA ARG A 22 -10.79 -4.54 6.32
C ARG A 22 -10.59 -6.03 6.64
N LYS A 23 -9.32 -6.43 6.77
CA LYS A 23 -8.97 -7.82 7.09
C LYS A 23 -8.98 -8.06 8.61
N ARG A 24 -8.85 -6.98 9.39
CA ARG A 24 -8.85 -7.06 10.85
C ARG A 24 -10.26 -6.83 11.42
N GLN A 25 -11.05 -5.99 10.73
CA GLN A 25 -12.42 -5.68 11.16
C GLN A 25 -13.44 -6.65 10.55
N GLN A 26 -13.27 -6.94 9.25
CA GLN A 26 -14.17 -7.85 8.53
C GLN A 26 -13.52 -9.22 8.35
N NH2 A 27 -12.29 -9.23 7.84
HN1 NH2 A 27 -11.88 -8.37 7.62
HN2 NH2 A 27 -11.85 -10.09 7.71
RU 3UQ B . -5.13 -7.28 -0.91
CC1 3UQ B . -3.14 -7.99 -0.30
CC2 3UQ B . -3.69 -8.91 -1.24
CC3 3UQ B . -3.89 -8.20 -2.48
CC4 3UQ B . -3.00 -6.72 -0.94
CC5 3UQ B . -3.46 -6.85 -2.29
HC1 3UQ B . -2.86 -8.22 0.73
HC2 3UQ B . -3.93 -9.96 -1.07
HC3 3UQ B . -4.30 -8.62 -3.40
HC4 3UQ B . -2.60 -5.82 -0.50
HC5 3UQ B . -3.48 -6.07 -3.05
N GLY A 1 14.78 -1.06 -10.16
CA GLY A 1 15.77 -0.49 -9.20
C GLY A 1 15.12 0.46 -8.21
N ILE A 2 15.88 1.48 -7.78
CA ILE A 2 15.41 2.49 -6.82
C ILE A 2 14.23 3.32 -7.36
N GLY A 3 14.28 3.63 -8.66
CA GLY A 3 13.23 4.40 -9.32
C GLY A 3 11.93 3.63 -9.47
N ALA A 4 12.05 2.30 -9.66
CA ALA A 4 10.89 1.41 -9.82
C ALA A 4 10.18 1.17 -8.48
N VAL A 5 10.97 0.85 -7.44
CA VAL A 5 10.43 0.61 -6.08
C VAL A 5 9.80 1.88 -5.50
N LEU A 6 10.43 3.03 -5.78
CA LEU A 6 9.93 4.34 -5.31
C LEU A 6 8.69 4.77 -6.09
N LYS A 7 8.60 4.34 -7.37
CA LYS A 7 7.46 4.65 -8.24
C LYS A 7 6.21 3.88 -7.83
N VAL A 8 6.40 2.64 -7.35
CA VAL A 8 5.28 1.79 -6.91
C VAL A 8 4.97 1.96 -5.41
N LEU A 9 5.86 2.67 -4.70
CA LEU A 9 5.70 2.90 -3.26
C LEU A 9 5.07 4.28 -2.98
N THR A 10 5.30 5.24 -3.89
CA THR A 10 4.77 6.60 -3.74
C THR A 10 3.33 6.73 -4.26
N THR A 11 2.82 5.68 -4.89
CA THR A 11 1.46 5.67 -5.44
C THR A 11 0.49 4.89 -4.55
N GLY A 12 0.91 3.70 -4.12
CA GLY A 12 0.07 2.86 -3.27
C GLY A 12 0.41 2.96 -1.79
N LEU A 13 -0.48 3.59 -1.03
CA LEU A 13 -0.29 3.77 0.42
C LEU A 13 -1.58 3.48 1.21
N PRO A 14 -2.78 4.00 0.80
CA PRO A 14 -4.05 3.77 1.52
C PRO A 14 -4.68 2.40 1.24
N ALA A 15 -4.15 1.69 0.22
CA ALA A 15 -4.65 0.37 -0.16
C ALA A 15 -4.29 -0.71 0.87
N LEU A 16 -3.06 -0.66 1.37
CA LEU A 16 -2.57 -1.63 2.37
C LEU A 16 -3.22 -1.39 3.74
N ILE A 17 -3.45 -0.10 4.06
CA ILE A 17 -4.08 0.31 5.33
C ILE A 17 -5.57 -0.08 5.35
N SER A 18 -6.23 0.08 4.19
CA SER A 18 -7.65 -0.25 4.05
C SER A 18 -7.87 -1.77 4.02
N TRP A 19 -6.88 -2.50 3.48
CA TRP A 19 -6.94 -3.97 3.40
C TRP A 19 -6.71 -4.62 4.77
N ILE A 20 -5.80 -4.02 5.57
CA ILE A 20 -5.50 -4.55 6.91
C ILE A 20 -6.61 -4.19 7.92
N LYS A 21 -7.23 -3.01 7.72
CA LYS A 21 -8.33 -2.54 8.57
C LYS A 21 -9.63 -3.30 8.29
N ARG A 22 -9.84 -3.65 7.01
CA ARG A 22 -11.03 -4.39 6.58
C ARG A 22 -10.90 -5.89 6.89
N LYS A 23 -9.65 -6.38 6.94
CA LYS A 23 -9.38 -7.79 7.24
C LYS A 23 -9.28 -8.04 8.75
N ARG A 24 -9.03 -6.96 9.51
CA ARG A 24 -8.93 -7.04 10.97
C ARG A 24 -10.28 -6.76 11.64
N GLN A 25 -11.09 -5.91 10.99
CA GLN A 25 -12.42 -5.55 11.52
C GLN A 25 -13.49 -6.51 10.99
N GLN A 26 -13.41 -6.86 9.70
CA GLN A 26 -14.37 -7.77 9.07
C GLN A 26 -13.73 -9.13 8.78
N NH2 A 27 -12.57 -9.10 8.13
HN1 NH2 A 27 -12.19 -8.23 7.88
HN2 NH2 A 27 -12.13 -9.96 7.93
RU 3UQ B . -5.70 -7.33 -1.16
CC1 3UQ B . -3.67 -8.07 -0.70
CC2 3UQ B . -4.27 -8.92 -1.68
CC3 3UQ B . -4.53 -8.14 -2.85
CC4 3UQ B . -3.56 -6.77 -1.27
CC5 3UQ B . -4.10 -6.80 -2.59
HC1 3UQ B . -3.35 -8.37 0.30
HC2 3UQ B . -4.50 -9.98 -1.55
HC3 3UQ B . -5.00 -8.49 -3.77
HC4 3UQ B . -3.15 -5.88 -0.77
HC5 3UQ B . -4.15 -5.96 -3.28
#